data_5NVO
#
_entry.id   5NVO
#
_cell.length_a   74.270
_cell.length_b   74.270
_cell.length_c   158.200
_cell.angle_alpha   90.000
_cell.angle_beta   90.000
_cell.angle_gamma   120.000
#
_symmetry.space_group_name_H-M   'P 32 2 1'
#
loop_
_entity.id
_entity.type
_entity.pdbx_description
1 polymer 'DNA (cytosine-5)-methyltransferase 3B'
2 non-polymer 'CHOLINE ION'
3 non-polymer 'SULFATE ION'
4 water water
#
_entity_poly.entity_id   1
_entity_poly.type   'polypeptide(L)'
_entity_poly.pdbx_seq_one_letter_code
;EADSGDGDSSEYQDGKEFGIGDLVWGKIKGFSWWPAMVVSWKATSKRQAMSGMRWVQWFGDGKFSEVSADKLVALGLFSQ
HFNLATFNKLVSYRKAMYHALEKARVRAGKTFPSSPGDSLEDQLKPMLEWAHGGFKPTGIEGLKPNNTQP
;
_entity_poly.pdbx_strand_id   A,B
#
loop_
_chem_comp.id
_chem_comp.type
_chem_comp.name
_chem_comp.formula
CHT non-polymer 'CHOLINE ION' 'C5 H14 N O 1'
SO4 non-polymer 'SULFATE ION' 'O4 S -2'
#
# COMPACT_ATOMS: atom_id res chain seq x y z
N GLU A 11 5.09 12.85 -4.73
CA GLU A 11 4.91 11.54 -4.08
C GLU A 11 3.66 11.51 -3.19
N TYR A 12 2.93 10.40 -3.24
CA TYR A 12 1.67 10.25 -2.52
C TYR A 12 0.64 11.28 -2.98
N GLN A 13 0.62 11.53 -4.29
CA GLN A 13 -0.33 12.46 -4.92
C GLN A 13 -1.45 11.71 -5.62
N ASP A 14 -2.20 10.92 -4.86
CA ASP A 14 -3.17 9.99 -5.43
C ASP A 14 -4.61 10.17 -4.92
N GLY A 15 -4.89 11.26 -4.22
CA GLY A 15 -6.23 11.53 -3.73
C GLY A 15 -6.51 11.00 -2.33
N LYS A 16 -5.87 9.88 -1.97
CA LYS A 16 -6.02 9.28 -0.65
C LYS A 16 -5.29 10.09 0.42
N GLU A 17 -5.62 9.88 1.69
CA GLU A 17 -4.98 10.68 2.75
C GLU A 17 -3.66 10.09 3.25
N PHE A 18 -3.14 10.70 4.31
CA PHE A 18 -1.85 10.34 4.93
C PHE A 18 -0.65 10.79 4.10
N GLY A 19 0.20 11.59 4.74
CA GLY A 19 1.42 12.04 4.13
C GLY A 19 2.61 11.74 5.02
N ILE A 20 3.79 12.04 4.49
CA ILE A 20 5.06 11.75 5.16
C ILE A 20 5.08 12.30 6.59
N GLY A 21 5.52 11.50 7.55
CA GLY A 21 5.55 11.94 8.93
C GLY A 21 4.31 11.59 9.76
N ASP A 22 3.18 11.30 9.10
CA ASP A 22 1.94 11.00 9.84
C ASP A 22 2.07 9.75 10.71
N LEU A 23 1.68 9.88 11.98
CA LEU A 23 1.58 8.73 12.87
C LEU A 23 0.27 8.00 12.56
N VAL A 24 0.35 6.70 12.31
CA VAL A 24 -0.85 5.95 11.92
C VAL A 24 -0.89 4.60 12.61
N TRP A 25 -2.04 3.97 12.55
CA TRP A 25 -2.16 2.54 12.80
C TRP A 25 -2.14 1.85 11.45
N GLY A 26 -1.45 0.72 11.36
CA GLY A 26 -1.43 -0.04 10.13
C GLY A 26 -1.88 -1.47 10.37
N LYS A 27 -2.69 -2.00 9.46
CA LYS A 27 -3.22 -3.35 9.61
C LYS A 27 -2.64 -4.29 8.57
N ILE A 28 -1.86 -5.27 9.02
CA ILE A 28 -1.37 -6.35 8.17
C ILE A 28 -2.14 -7.62 8.51
N LYS A 29 -2.40 -8.46 7.51
CA LYS A 29 -3.06 -9.76 7.73
C LYS A 29 -2.27 -10.57 8.74
N GLY A 30 -2.95 -11.08 9.77
CA GLY A 30 -2.30 -11.85 10.81
C GLY A 30 -1.83 -11.06 12.02
N PHE A 31 -2.05 -9.75 12.02
CA PHE A 31 -1.57 -8.89 13.12
C PHE A 31 -2.62 -7.88 13.59
N SER A 32 -2.52 -7.46 14.86
CA SER A 32 -3.35 -6.39 15.36
C SER A 32 -2.99 -5.09 14.63
N TRP A 33 -3.82 -4.06 14.76
CA TRP A 33 -3.42 -2.76 14.28
C TRP A 33 -2.11 -2.41 14.98
N TRP A 34 -1.16 -1.90 14.20
CA TRP A 34 0.17 -1.66 14.71
C TRP A 34 0.55 -0.22 14.41
N PRO A 35 1.19 0.45 15.38
CA PRO A 35 1.55 1.86 15.18
C PRO A 35 2.72 1.98 14.22
N ALA A 36 2.67 2.97 13.33
CA ALA A 36 3.72 3.16 12.35
C ALA A 36 3.90 4.64 12.03
N MET A 37 4.98 4.98 11.33
CA MET A 37 5.11 6.32 10.76
C MET A 37 5.11 6.23 9.25
N VAL A 38 4.33 7.08 8.59
CA VAL A 38 4.36 7.13 7.12
C VAL A 38 5.72 7.69 6.67
N VAL A 39 6.43 6.99 5.79
CA VAL A 39 7.72 7.46 5.31
C VAL A 39 7.77 7.56 3.79
N SER A 40 8.72 8.34 3.27
CA SER A 40 8.96 8.42 1.83
C SER A 40 9.59 7.13 1.35
N TRP A 41 9.38 6.77 0.10
CA TRP A 41 9.99 5.55 -0.40
C TRP A 41 11.52 5.63 -0.37
N LYS A 42 12.05 6.85 -0.38
CA LYS A 42 13.51 7.01 -0.39
C LYS A 42 14.19 6.55 0.90
N ALA A 43 13.44 6.41 1.98
CA ALA A 43 14.01 5.97 3.23
C ALA A 43 14.02 4.45 3.30
N THR A 44 13.34 3.81 2.35
CA THR A 44 13.09 2.36 2.43
C THR A 44 14.14 1.45 1.79
N SER A 45 14.91 1.98 0.84
CA SER A 45 15.84 1.20 0.01
C SER A 45 15.13 0.29 -0.98
N LYS A 46 13.84 0.52 -1.20
CA LYS A 46 13.06 -0.30 -2.12
C LYS A 46 12.72 0.43 -3.43
N ARG A 47 11.43 0.68 -3.62
CA ARG A 47 10.87 1.23 -4.85
C ARG A 47 9.79 2.21 -4.41
N GLN A 48 9.33 3.06 -5.33
CA GLN A 48 8.15 3.88 -5.06
C GLN A 48 6.93 3.03 -4.73
N ALA A 49 6.06 3.56 -3.87
CA ALA A 49 4.82 2.86 -3.55
C ALA A 49 3.89 2.94 -4.75
N MET A 50 3.08 1.90 -4.98
CA MET A 50 2.03 1.96 -5.99
C MET A 50 0.99 2.98 -5.56
N SER A 51 0.24 3.53 -6.52
CA SER A 51 -0.81 4.50 -6.21
C SER A 51 -1.78 3.92 -5.20
N GLY A 52 -2.12 4.72 -4.18
CA GLY A 52 -3.04 4.26 -3.16
C GLY A 52 -2.35 3.47 -2.06
N MET A 53 -1.02 3.34 -2.15
CA MET A 53 -0.26 2.72 -1.09
C MET A 53 0.58 3.78 -0.36
N ARG A 54 1.05 3.44 0.84
CA ARG A 54 2.02 4.29 1.54
C ARG A 54 3.08 3.37 2.07
N TRP A 55 4.32 3.84 2.09
CA TRP A 55 5.34 3.13 2.83
C TRP A 55 5.19 3.55 4.27
N VAL A 56 5.24 2.58 5.18
CA VAL A 56 5.26 2.93 6.60
C VAL A 56 6.43 2.24 7.25
N GLN A 57 6.91 2.83 8.33
CA GLN A 57 7.91 2.20 9.15
C GLN A 57 7.24 1.90 10.48
N TRP A 58 7.27 0.64 10.89
CA TRP A 58 6.57 0.19 12.09
C TRP A 58 7.35 0.55 13.34
N PHE A 59 6.67 1.11 14.33
CA PHE A 59 7.31 1.34 15.61
C PHE A 59 7.59 0.01 16.25
N GLY A 60 8.70 -0.07 16.99
CA GLY A 60 9.05 -1.30 17.68
C GLY A 60 10.13 -2.08 16.97
N ASP A 61 9.94 -2.37 15.68
CA ASP A 61 10.94 -3.12 14.94
C ASP A 61 11.60 -2.34 13.79
N GLY A 62 11.05 -1.17 13.47
CA GLY A 62 11.66 -0.31 12.46
C GLY A 62 11.70 -0.85 11.04
N LYS A 63 10.88 -1.85 10.75
CA LYS A 63 10.81 -2.37 9.38
C LYS A 63 9.85 -1.57 8.52
N PHE A 64 9.92 -1.79 7.21
CA PHE A 64 9.14 -1.02 6.24
C PHE A 64 8.11 -1.91 5.54
N SER A 65 6.92 -1.40 5.32
CA SER A 65 5.89 -2.13 4.58
C SER A 65 5.17 -1.17 3.65
N GLU A 66 4.79 -1.67 2.49
CA GLU A 66 3.95 -0.91 1.58
C GLU A 66 2.51 -1.31 1.90
N VAL A 67 1.76 -0.38 2.47
CA VAL A 67 0.44 -0.65 3.00
C VAL A 67 -0.54 0.25 2.28
N SER A 68 -1.71 -0.28 1.95
CA SER A 68 -2.76 0.53 1.32
C SER A 68 -3.24 1.60 2.29
N ALA A 69 -3.71 2.72 1.75
CA ALA A 69 -4.15 3.83 2.58
C ALA A 69 -5.48 3.51 3.23
N ASP A 70 -6.17 2.50 2.69
CA ASP A 70 -7.43 2.02 3.25
C ASP A 70 -7.18 1.09 4.42
N LYS A 71 -5.93 0.69 4.60
CA LYS A 71 -5.52 -0.14 5.74
C LYS A 71 -4.73 0.70 6.76
N LEU A 72 -4.89 2.02 6.68
CA LEU A 72 -4.26 2.92 7.65
C LEU A 72 -5.32 3.83 8.28
N VAL A 73 -5.16 4.16 9.55
CA VAL A 73 -5.99 5.19 10.18
C VAL A 73 -5.06 6.03 11.06
N ALA A 74 -5.44 7.27 11.36
CA ALA A 74 -4.61 8.15 12.17
C ALA A 74 -4.40 7.57 13.55
N LEU A 75 -3.17 7.67 14.08
CA LEU A 75 -2.91 7.15 15.41
C LEU A 75 -3.81 7.83 16.46
N GLY A 76 -4.24 9.06 16.16
CA GLY A 76 -5.13 9.82 17.04
C GLY A 76 -6.46 9.13 17.31
N LEU A 77 -6.94 8.34 16.35
CA LEU A 77 -8.04 7.43 16.59
C LEU A 77 -7.54 6.26 17.45
N PHE A 78 -7.14 6.56 18.69
CA PHE A 78 -6.37 5.64 19.50
C PHE A 78 -7.20 4.56 20.20
N SER A 79 -8.17 4.98 21.00
CA SER A 79 -8.89 4.02 21.82
C SER A 79 -9.66 3.03 20.93
N GLN A 80 -9.98 3.44 19.71
CA GLN A 80 -10.66 2.55 18.76
C GLN A 80 -9.74 1.52 18.09
N HIS A 81 -8.41 1.63 18.23
CA HIS A 81 -7.53 0.68 17.54
C HIS A 81 -6.50 0.06 18.45
N PHE A 82 -6.28 0.70 19.59
CA PHE A 82 -5.47 0.09 20.62
C PHE A 82 -6.06 -1.28 20.94
N ASN A 83 -5.24 -2.32 20.88
CA ASN A 83 -5.71 -3.66 21.18
C ASN A 83 -5.21 -4.10 22.54
N LEU A 84 -6.12 -4.13 23.50
CA LEU A 84 -5.73 -4.34 24.89
C LEU A 84 -5.25 -5.77 25.12
N ALA A 85 -5.88 -6.72 24.44
CA ALA A 85 -5.46 -8.11 24.54
C ALA A 85 -4.04 -8.25 24.00
N THR A 86 -3.81 -7.71 22.81
CA THR A 86 -2.48 -7.79 22.21
C THR A 86 -1.46 -7.11 23.11
N PHE A 87 -1.87 -6.02 23.72
CA PHE A 87 -1.00 -5.26 24.61
C PHE A 87 -0.58 -6.11 25.80
N ASN A 88 -1.50 -6.93 26.30
CA ASN A 88 -1.21 -7.75 27.48
C ASN A 88 -0.37 -8.96 27.11
N LYS A 89 -0.58 -9.45 25.89
CA LYS A 89 0.06 -10.66 25.41
C LYS A 89 1.51 -10.46 24.91
N LEU A 90 1.81 -9.35 24.24
CA LEU A 90 3.08 -9.18 23.51
C LEU A 90 3.97 -8.02 23.94
N VAL A 91 5.16 -8.35 24.45
CA VAL A 91 6.13 -7.32 24.84
C VAL A 91 6.55 -6.42 23.65
N SER A 92 6.59 -6.98 22.45
CA SER A 92 6.92 -6.19 21.27
C SER A 92 5.89 -5.09 21.03
N TYR A 93 4.62 -5.40 21.27
CA TYR A 93 3.54 -4.44 21.06
C TYR A 93 3.64 -3.35 22.11
N ARG A 94 4.02 -3.73 23.33
CA ARG A 94 4.21 -2.71 24.36
C ARG A 94 5.38 -1.81 24.03
N LYS A 95 6.47 -2.39 23.54
CA LYS A 95 7.63 -1.57 23.14
C LYS A 95 7.24 -0.66 21.98
N ALA A 96 6.48 -1.20 21.04
CA ALA A 96 5.96 -0.43 19.91
C ALA A 96 5.19 0.78 20.40
N MET A 97 4.26 0.54 21.33
CA MET A 97 3.43 1.60 21.90
C MET A 97 4.27 2.68 22.57
N TYR A 98 5.31 2.27 23.28
CA TYR A 98 6.19 3.25 23.92
C TYR A 98 6.81 4.20 22.90
N HIS A 99 7.49 3.66 21.89
CA HIS A 99 8.16 4.53 20.91
C HIS A 99 7.17 5.35 20.08
N ALA A 100 6.00 4.78 19.81
CA ALA A 100 4.99 5.54 19.09
C ALA A 100 4.48 6.71 19.95
N LEU A 101 4.10 6.45 21.20
CA LEU A 101 3.56 7.50 22.06
C LEU A 101 4.61 8.55 22.43
N GLU A 102 5.82 8.10 22.76
CA GLU A 102 6.96 9.01 22.92
C GLU A 102 7.11 9.98 21.76
N LYS A 103 7.03 9.46 20.53
CA LYS A 103 7.10 10.32 19.38
C LYS A 103 5.90 11.28 19.38
N ALA A 104 4.73 10.77 19.77
CA ALA A 104 3.50 11.56 19.80
C ALA A 104 3.59 12.69 20.82
N ARG A 105 4.14 12.35 21.99
CA ARG A 105 4.29 13.27 23.10
C ARG A 105 5.16 14.47 22.70
N VAL A 106 6.31 14.19 22.10
CA VAL A 106 7.21 15.27 21.72
C VAL A 106 6.55 16.19 20.69
N ARG A 107 5.84 15.63 19.71
CA ARG A 107 5.12 16.49 18.76
C ARG A 107 4.08 17.38 19.45
N ALA A 108 3.24 16.79 20.28
CA ALA A 108 2.18 17.53 20.95
C ALA A 108 2.70 18.49 22.01
N GLY A 109 3.98 18.43 22.30
CA GLY A 109 4.56 19.29 23.32
C GLY A 109 4.03 18.97 24.69
N LYS A 110 3.77 17.68 24.91
CA LYS A 110 3.28 17.18 26.18
C LYS A 110 4.47 16.71 27.00
N THR A 111 4.36 16.80 28.33
CA THR A 111 5.42 16.32 29.20
C THR A 111 4.84 15.46 30.32
N PHE A 112 5.53 14.37 30.66
CA PHE A 112 5.16 13.51 31.78
C PHE A 112 6.27 13.50 32.83
N PRO A 113 5.91 13.13 34.08
CA PRO A 113 6.87 12.76 35.13
C PRO A 113 7.63 11.49 34.76
N GLU A 121 7.60 0.27 31.02
CA GLU A 121 6.31 -0.21 31.52
C GLU A 121 5.66 0.78 32.48
N ASP A 122 6.47 1.40 33.33
CA ASP A 122 5.99 2.43 34.24
C ASP A 122 5.97 3.78 33.55
N GLN A 123 6.82 3.91 32.53
CA GLN A 123 6.87 5.14 31.75
C GLN A 123 5.66 5.13 30.82
N LEU A 124 5.29 3.92 30.40
CA LEU A 124 4.18 3.72 29.47
C LEU A 124 2.85 4.18 30.07
N LYS A 125 2.62 3.77 31.31
CA LYS A 125 1.32 3.91 31.99
C LYS A 125 0.63 5.26 31.77
N PRO A 126 1.32 6.39 32.05
CA PRO A 126 0.66 7.68 31.83
C PRO A 126 0.60 8.11 30.37
N MET A 127 1.50 7.63 29.53
CA MET A 127 1.43 7.99 28.11
C MET A 127 0.22 7.26 27.53
N LEU A 128 0.06 6.01 27.95
CA LEU A 128 -1.12 5.24 27.58
C LEU A 128 -2.41 5.95 28.02
N GLU A 129 -2.41 6.44 29.25
CA GLU A 129 -3.59 7.11 29.79
C GLU A 129 -3.85 8.38 29.00
N TRP A 130 -2.79 9.13 28.73
CA TRP A 130 -2.88 10.34 27.91
C TRP A 130 -3.48 9.99 26.53
N ALA A 131 -2.96 8.94 25.90
CA ALA A 131 -3.41 8.55 24.58
C ALA A 131 -4.86 8.06 24.63
N HIS A 132 -5.13 7.14 25.56
CA HIS A 132 -6.47 6.58 25.65
C HIS A 132 -7.48 7.68 25.98
N GLY A 133 -7.02 8.69 26.73
CA GLY A 133 -7.90 9.76 27.14
C GLY A 133 -8.09 10.83 26.09
N GLY A 134 -7.48 10.65 24.91
CA GLY A 134 -7.69 11.59 23.81
C GLY A 134 -6.65 12.69 23.64
N PHE A 135 -5.43 12.47 24.13
CA PHE A 135 -4.30 13.38 23.89
C PHE A 135 -4.56 14.82 24.36
N LYS A 136 -4.97 14.95 25.61
CA LYS A 136 -5.24 16.23 26.26
C LYS A 136 -3.92 16.89 26.65
N PRO A 137 -3.79 18.21 26.42
CA PRO A 137 -4.83 19.12 25.93
C PRO A 137 -4.83 19.46 24.43
N THR A 138 -3.88 18.97 23.65
CA THR A 138 -3.87 19.35 22.24
C THR A 138 -4.93 18.62 21.43
N GLY A 139 -5.36 17.46 21.90
CA GLY A 139 -6.16 16.59 21.06
C GLY A 139 -5.30 16.10 19.91
N ILE A 140 -5.93 15.48 18.93
CA ILE A 140 -5.16 14.83 17.87
C ILE A 140 -4.34 15.80 17.03
N GLU A 141 -4.75 17.06 17.03
CA GLU A 141 -4.04 18.13 16.31
C GLU A 141 -2.56 18.16 16.64
N GLY A 142 -2.22 17.91 17.91
CA GLY A 142 -0.84 17.97 18.36
C GLY A 142 0.04 16.84 17.85
N LEU A 143 -0.56 15.85 17.16
CA LEU A 143 0.17 14.66 16.72
C LEU A 143 0.76 14.86 15.34
N LYS A 144 0.35 15.94 14.69
CA LYS A 144 0.84 16.25 13.34
C LYS A 144 2.36 16.50 13.31
N PRO A 145 3.00 16.17 12.17
CA PRO A 145 4.45 16.36 12.01
C PRO A 145 4.85 17.82 11.78
N GLU B 11 -9.32 13.97 -17.44
CA GLU B 11 -8.11 13.26 -17.86
C GLU B 11 -8.49 11.90 -18.44
N TYR B 12 -7.82 11.52 -19.52
CA TYR B 12 -8.07 10.25 -20.21
C TYR B 12 -9.48 10.15 -20.79
N GLN B 13 -10.06 11.29 -21.14
CA GLN B 13 -11.37 11.30 -21.79
C GLN B 13 -11.23 11.56 -23.30
N ASP B 14 -10.59 10.62 -23.98
CA ASP B 14 -10.35 10.74 -25.42
C ASP B 14 -11.08 9.66 -26.23
N GLY B 15 -11.95 8.90 -25.57
CA GLY B 15 -12.68 7.85 -26.25
C GLY B 15 -11.99 6.49 -26.19
N LYS B 16 -10.67 6.51 -26.02
CA LYS B 16 -9.88 5.29 -25.85
C LYS B 16 -10.24 4.54 -24.55
N GLU B 17 -9.68 3.34 -24.39
CA GLU B 17 -9.96 2.52 -23.21
C GLU B 17 -9.11 2.86 -21.98
N PHE B 18 -9.47 2.24 -20.85
CA PHE B 18 -8.69 2.28 -19.62
C PHE B 18 -8.72 3.60 -18.87
N GLY B 19 -9.20 3.54 -17.64
CA GLY B 19 -9.24 4.71 -16.79
C GLY B 19 -8.39 4.50 -15.57
N ILE B 20 -8.35 5.52 -14.73
CA ILE B 20 -7.51 5.52 -13.55
C ILE B 20 -7.87 4.35 -12.64
N GLY B 21 -6.85 3.64 -12.18
CA GLY B 21 -7.04 2.49 -11.32
C GLY B 21 -7.08 1.14 -12.02
N ASP B 22 -7.33 1.12 -13.33
CA ASP B 22 -7.43 -0.16 -14.04
C ASP B 22 -6.12 -0.94 -14.01
N LEU B 23 -6.21 -2.24 -13.75
CA LEU B 23 -5.07 -3.14 -13.79
C LEU B 23 -4.90 -3.66 -15.21
N VAL B 24 -3.69 -3.58 -15.74
CA VAL B 24 -3.49 -3.89 -17.15
C VAL B 24 -2.19 -4.65 -17.39
N TRP B 25 -2.08 -5.25 -18.57
CA TRP B 25 -0.78 -5.67 -19.08
C TRP B 25 -0.29 -4.57 -20.00
N GLY B 26 0.99 -4.26 -19.90
CA GLY B 26 1.59 -3.22 -20.69
C GLY B 26 2.80 -3.79 -21.38
N LYS B 27 2.93 -3.50 -22.66
CA LYS B 27 4.02 -4.06 -23.44
C LYS B 27 4.94 -2.93 -23.89
N ILE B 28 6.13 -2.88 -23.33
CA ILE B 28 7.18 -1.97 -23.77
C ILE B 28 8.15 -2.74 -24.69
N LYS B 29 8.50 -2.10 -25.81
CA LYS B 29 9.41 -2.69 -26.79
C LYS B 29 10.68 -3.20 -26.13
N GLY B 30 10.88 -4.52 -26.21
CA GLY B 30 12.02 -5.16 -25.59
C GLY B 30 11.65 -5.96 -24.37
N PHE B 31 10.36 -5.99 -24.04
CA PHE B 31 9.92 -6.70 -22.84
C PHE B 31 8.67 -7.53 -23.09
N SER B 32 8.46 -8.55 -22.25
CA SER B 32 7.21 -9.30 -22.21
C SER B 32 6.07 -8.38 -21.77
N TRP B 33 4.85 -8.87 -21.77
CA TRP B 33 3.78 -8.14 -21.11
C TRP B 33 4.10 -8.03 -19.62
N TRP B 34 3.88 -6.85 -19.05
CA TRP B 34 4.20 -6.61 -17.65
C TRP B 34 2.98 -6.00 -16.98
N PRO B 35 2.63 -6.47 -15.78
CA PRO B 35 1.43 -5.98 -15.10
C PRO B 35 1.61 -4.56 -14.59
N ALA B 36 0.53 -3.77 -14.59
CA ALA B 36 0.64 -2.37 -14.21
C ALA B 36 -0.70 -1.83 -13.77
N MET B 37 -0.70 -0.61 -13.25
CA MET B 37 -1.94 0.09 -12.94
C MET B 37 -1.96 1.44 -13.66
N VAL B 38 -3.10 1.77 -14.25
CA VAL B 38 -3.28 3.09 -14.86
C VAL B 38 -3.37 4.14 -13.74
N VAL B 39 -2.49 5.13 -13.77
CA VAL B 39 -2.54 6.22 -12.78
C VAL B 39 -2.78 7.57 -13.43
N SER B 40 -3.12 8.55 -12.59
CA SER B 40 -3.25 9.93 -13.04
C SER B 40 -1.85 10.48 -13.24
N TRP B 41 -1.67 11.37 -14.21
CA TRP B 41 -0.35 11.96 -14.43
C TRP B 41 0.13 12.66 -13.17
N LYS B 42 -0.81 13.12 -12.35
CA LYS B 42 -0.46 13.86 -11.14
C LYS B 42 0.26 13.02 -10.09
N ALA B 43 0.13 11.70 -10.20
CA ALA B 43 0.86 10.80 -9.31
C ALA B 43 2.31 10.59 -9.74
N THR B 44 2.63 10.92 -10.99
CA THR B 44 3.92 10.52 -11.57
C THR B 44 5.07 11.49 -11.35
N SER B 45 4.77 12.70 -10.91
CA SER B 45 5.79 13.76 -10.81
C SER B 45 6.42 14.00 -12.19
N LYS B 46 5.61 13.92 -13.23
CA LYS B 46 6.07 14.14 -14.60
C LYS B 46 5.06 14.99 -15.36
N ARG B 47 5.11 14.91 -16.68
CA ARG B 47 4.24 15.70 -17.54
C ARG B 47 2.87 15.05 -17.68
N GLN B 48 1.89 15.82 -18.10
CA GLN B 48 0.61 15.25 -18.46
C GLN B 48 0.84 14.35 -19.68
N ALA B 49 -0.05 13.39 -19.89
CA ALA B 49 0.06 12.43 -20.99
C ALA B 49 -0.55 12.99 -22.26
N MET B 50 0.03 12.63 -23.41
CA MET B 50 -0.49 13.07 -24.72
C MET B 50 -1.79 12.35 -25.05
N SER B 51 -2.54 12.92 -26.00
CA SER B 51 -3.77 12.29 -26.51
C SER B 51 -3.56 10.82 -26.80
N GLY B 52 -4.49 9.99 -26.32
CA GLY B 52 -4.44 8.57 -26.58
C GLY B 52 -3.41 7.79 -25.77
N MET B 53 -2.64 8.49 -24.94
CA MET B 53 -1.70 7.82 -24.04
C MET B 53 -2.26 7.65 -22.62
N ARG B 54 -1.61 6.79 -21.84
CA ARG B 54 -1.98 6.57 -20.44
C ARG B 54 -0.71 6.50 -19.65
N TRP B 55 -0.73 7.02 -18.43
CA TRP B 55 0.37 6.78 -17.51
C TRP B 55 0.09 5.45 -16.81
N VAL B 56 1.09 4.57 -16.78
CA VAL B 56 0.92 3.34 -16.01
C VAL B 56 2.02 3.24 -14.97
N GLN B 57 1.73 2.57 -13.86
CA GLN B 57 2.78 2.33 -12.88
C GLN B 57 3.02 0.83 -12.82
N TRP B 58 4.26 0.43 -13.03
CA TRP B 58 4.57 -0.99 -13.14
C TRP B 58 4.54 -1.64 -11.78
N PHE B 59 3.92 -2.79 -11.67
CA PHE B 59 4.09 -3.56 -10.45
C PHE B 59 5.53 -4.06 -10.38
N GLY B 60 6.03 -4.27 -9.17
CA GLY B 60 7.40 -4.74 -9.01
C GLY B 60 8.40 -3.63 -8.77
N ASP B 61 8.57 -2.73 -9.72
CA ASP B 61 9.48 -1.62 -9.49
C ASP B 61 8.78 -0.28 -9.21
N GLY B 62 7.46 -0.25 -9.34
CA GLY B 62 6.70 0.98 -9.10
C GLY B 62 7.06 2.18 -9.97
N LYS B 63 7.74 1.94 -11.09
CA LYS B 63 8.13 3.03 -12.01
C LYS B 63 7.00 3.47 -12.95
N PHE B 64 7.15 4.65 -13.54
CA PHE B 64 6.09 5.21 -14.39
C PHE B 64 6.47 5.25 -15.87
N SER B 65 5.53 4.86 -16.73
CA SER B 65 5.71 4.93 -18.19
C SER B 65 4.44 5.44 -18.85
N GLU B 66 4.63 6.22 -19.91
CA GLU B 66 3.52 6.71 -20.71
C GLU B 66 3.33 5.73 -21.86
N VAL B 67 2.18 5.08 -21.90
CA VAL B 67 1.93 4.01 -22.88
C VAL B 67 0.67 4.30 -23.67
N SER B 68 0.65 3.90 -24.93
CA SER B 68 -0.53 4.12 -25.74
C SER B 68 -1.65 3.23 -25.24
N ALA B 69 -2.85 3.79 -25.17
CA ALA B 69 -4.03 3.03 -24.74
C ALA B 69 -4.32 1.86 -25.68
N ASP B 70 -3.79 1.93 -26.90
CA ASP B 70 -3.95 0.85 -27.87
C ASP B 70 -3.05 -0.32 -27.59
N LYS B 71 -1.95 -0.08 -26.86
CA LYS B 71 -0.95 -1.09 -26.53
C LYS B 71 -1.10 -1.65 -25.11
N LEU B 72 -2.36 -1.73 -24.65
CA LEU B 72 -2.67 -2.15 -23.28
C LEU B 72 -3.85 -3.12 -23.28
N VAL B 73 -3.75 -4.18 -22.48
CA VAL B 73 -4.87 -5.11 -22.34
C VAL B 73 -5.27 -5.21 -20.87
N ALA B 74 -6.55 -5.53 -20.63
CA ALA B 74 -7.03 -5.69 -19.27
C ALA B 74 -6.29 -6.86 -18.62
N LEU B 75 -5.98 -6.74 -17.33
CA LEU B 75 -5.27 -7.81 -16.62
C LEU B 75 -6.08 -9.10 -16.66
N GLY B 76 -7.41 -8.97 -16.70
CA GLY B 76 -8.30 -10.11 -16.83
C GLY B 76 -7.96 -11.08 -17.95
N LEU B 77 -7.33 -10.59 -19.02
CA LEU B 77 -6.89 -11.48 -20.07
C LEU B 77 -5.56 -12.05 -19.64
N PHE B 78 -5.62 -12.90 -18.61
CA PHE B 78 -4.45 -13.25 -17.82
C PHE B 78 -3.56 -14.32 -18.46
N SER B 79 -4.14 -15.46 -18.80
CA SER B 79 -3.36 -16.58 -19.34
C SER B 79 -2.78 -16.28 -20.72
N GLN B 80 -3.52 -15.49 -21.49
CA GLN B 80 -3.06 -15.03 -22.81
C GLN B 80 -1.82 -14.16 -22.74
N HIS B 81 -1.60 -13.48 -21.61
CA HIS B 81 -0.48 -12.55 -21.56
C HIS B 81 0.60 -12.87 -20.53
N PHE B 82 0.23 -13.64 -19.50
CA PHE B 82 1.23 -14.14 -18.56
C PHE B 82 2.32 -14.89 -19.32
N ASN B 83 3.58 -14.63 -19.00
CA ASN B 83 4.66 -15.29 -19.72
C ASN B 83 5.49 -16.22 -18.82
N LEU B 84 5.20 -17.52 -18.91
CA LEU B 84 5.81 -18.50 -18.03
C LEU B 84 7.34 -18.58 -18.13
N ALA B 85 7.87 -18.50 -19.35
CA ALA B 85 9.31 -18.43 -19.52
C ALA B 85 9.89 -17.24 -18.75
N THR B 86 9.38 -16.04 -19.00
CA THR B 86 9.88 -14.86 -18.31
C THR B 86 9.75 -15.04 -16.78
N PHE B 87 8.62 -15.60 -16.35
CA PHE B 87 8.38 -15.90 -14.95
C PHE B 87 9.51 -16.74 -14.33
N ASN B 88 9.70 -17.95 -14.83
CA ASN B 88 10.75 -18.84 -14.32
C ASN B 88 12.16 -18.24 -14.45
N LYS B 89 12.35 -17.37 -15.45
CA LYS B 89 13.65 -16.77 -15.74
C LYS B 89 14.05 -15.57 -14.85
N LEU B 90 13.08 -14.71 -14.50
CA LEU B 90 13.39 -13.45 -13.79
C LEU B 90 12.62 -13.27 -12.49
N VAL B 91 13.33 -13.07 -11.39
CA VAL B 91 12.68 -12.84 -10.09
C VAL B 91 11.90 -11.50 -10.08
N SER B 92 12.40 -10.52 -10.84
CA SER B 92 11.72 -9.24 -10.95
C SER B 92 10.27 -9.44 -11.38
N TYR B 93 10.11 -10.30 -12.39
CA TYR B 93 8.79 -10.61 -12.94
C TYR B 93 7.89 -11.28 -11.91
N ARG B 94 8.45 -12.21 -11.12
CA ARG B 94 7.65 -12.93 -10.12
C ARG B 94 7.21 -11.97 -9.03
N LYS B 95 8.11 -11.05 -8.67
CA LYS B 95 7.76 -9.99 -7.72
C LYS B 95 6.68 -9.11 -8.33
N ALA B 96 6.88 -8.71 -9.59
CA ALA B 96 5.87 -7.97 -10.33
C ALA B 96 4.53 -8.71 -10.28
N MET B 97 4.58 -10.02 -10.58
CA MET B 97 3.35 -10.81 -10.52
C MET B 97 2.73 -10.86 -9.13
N TYR B 98 3.56 -10.94 -8.10
CA TYR B 98 3.03 -11.04 -6.73
C TYR B 98 2.25 -9.79 -6.35
N HIS B 99 2.85 -8.63 -6.57
CA HIS B 99 2.21 -7.40 -6.15
C HIS B 99 0.95 -7.11 -6.94
N ALA B 100 0.97 -7.43 -8.24
CA ALA B 100 -0.22 -7.28 -9.08
C ALA B 100 -1.36 -8.17 -8.59
N LEU B 101 -1.07 -9.44 -8.38
CA LEU B 101 -2.11 -10.36 -7.93
C LEU B 101 -2.65 -9.96 -6.55
N GLU B 102 -1.74 -9.50 -5.69
CA GLU B 102 -2.10 -9.02 -4.36
C GLU B 102 -3.16 -7.92 -4.44
N LYS B 103 -2.93 -6.95 -5.32
CA LYS B 103 -3.88 -5.87 -5.51
C LYS B 103 -5.16 -6.43 -6.11
N ALA B 104 -5.01 -7.33 -7.08
CA ALA B 104 -6.14 -8.03 -7.67
C ALA B 104 -6.96 -8.73 -6.60
N ARG B 105 -6.26 -9.51 -5.77
CA ARG B 105 -6.91 -10.23 -4.66
C ARG B 105 -7.78 -9.33 -3.78
N VAL B 106 -7.20 -8.22 -3.35
CA VAL B 106 -7.86 -7.34 -2.39
C VAL B 106 -9.12 -6.68 -2.98
N ARG B 107 -9.02 -6.20 -4.20
CA ARG B 107 -10.18 -5.58 -4.85
C ARG B 107 -11.34 -6.54 -4.98
N ALA B 108 -11.00 -7.81 -5.23
CA ALA B 108 -11.99 -8.86 -5.43
C ALA B 108 -12.61 -9.29 -4.11
N GLY B 109 -11.85 -9.18 -3.02
CA GLY B 109 -12.28 -9.73 -1.74
C GLY B 109 -11.87 -11.17 -1.60
N LYS B 110 -11.04 -11.65 -2.52
CA LYS B 110 -10.53 -13.01 -2.47
C LYS B 110 -9.54 -13.13 -1.32
N THR B 111 -9.37 -14.34 -0.81
CA THR B 111 -8.42 -14.61 0.26
C THR B 111 -7.69 -15.95 0.09
N PHE B 112 -6.42 -15.97 0.51
CA PHE B 112 -5.60 -17.17 0.39
C PHE B 112 -4.97 -17.58 1.73
N PRO B 113 -5.12 -18.86 2.09
CA PRO B 113 -4.43 -19.48 3.22
C PRO B 113 -2.91 -19.31 3.12
N GLU B 121 6.33 -16.88 -3.10
CA GLU B 121 6.37 -17.75 -4.26
C GLU B 121 5.55 -19.02 -4.06
N ASP B 122 5.65 -19.60 -2.87
CA ASP B 122 4.65 -20.58 -2.47
C ASP B 122 3.40 -19.75 -2.24
N GLN B 123 3.61 -18.48 -1.98
CA GLN B 123 2.54 -17.52 -1.84
C GLN B 123 1.91 -17.22 -3.19
N LEU B 124 2.75 -17.24 -4.23
CA LEU B 124 2.32 -16.99 -5.61
C LEU B 124 1.45 -18.10 -6.16
N LYS B 125 1.82 -19.34 -5.83
CA LYS B 125 1.17 -20.53 -6.36
C LYS B 125 -0.39 -20.48 -6.36
N PRO B 126 -1.01 -20.33 -5.18
CA PRO B 126 -2.48 -20.33 -5.22
C PRO B 126 -3.06 -19.07 -5.86
N MET B 127 -2.24 -18.03 -5.99
CA MET B 127 -2.70 -16.80 -6.63
C MET B 127 -2.67 -16.95 -8.15
N LEU B 128 -1.59 -17.55 -8.64
CA LEU B 128 -1.44 -17.83 -10.06
C LEU B 128 -2.58 -18.72 -10.54
N GLU B 129 -2.86 -19.77 -9.79
CA GLU B 129 -3.94 -20.69 -10.15
C GLU B 129 -5.29 -19.98 -10.11
N TRP B 130 -5.45 -19.05 -9.19
CA TRP B 130 -6.68 -18.27 -9.11
C TRP B 130 -6.87 -17.44 -10.37
N ALA B 131 -5.76 -16.96 -10.93
CA ALA B 131 -5.82 -16.04 -12.05
C ALA B 131 -6.05 -16.78 -13.36
N HIS B 132 -5.28 -17.86 -13.55
CA HIS B 132 -5.37 -18.71 -14.72
C HIS B 132 -6.77 -19.32 -14.92
N GLY B 133 -7.58 -19.29 -13.88
CA GLY B 133 -8.92 -19.87 -13.91
C GLY B 133 -9.99 -18.81 -13.79
N GLY B 134 -9.65 -17.59 -14.20
CA GLY B 134 -10.66 -16.55 -14.37
C GLY B 134 -11.15 -15.91 -13.10
N PHE B 135 -10.30 -15.85 -12.08
CA PHE B 135 -10.58 -15.06 -10.88
C PHE B 135 -11.93 -15.36 -10.24
N LYS B 136 -12.26 -16.65 -10.14
CA LYS B 136 -13.51 -17.06 -9.50
C LYS B 136 -13.43 -16.84 -7.98
N PRO B 137 -14.57 -16.53 -7.33
CA PRO B 137 -15.94 -16.45 -7.86
C PRO B 137 -16.33 -15.11 -8.47
N THR B 138 -15.53 -14.07 -8.25
CA THR B 138 -15.85 -12.74 -8.76
C THR B 138 -15.74 -12.67 -10.29
N GLY B 139 -14.79 -13.42 -10.85
CA GLY B 139 -14.40 -13.22 -12.23
C GLY B 139 -13.69 -11.88 -12.33
N ILE B 140 -13.58 -11.35 -13.55
CA ILE B 140 -12.82 -10.12 -13.76
C ILE B 140 -13.52 -8.85 -13.29
N GLU B 141 -14.80 -8.94 -12.93
CA GLU B 141 -15.51 -7.80 -12.36
C GLU B 141 -14.93 -7.38 -11.02
N GLY B 142 -14.18 -8.27 -10.40
CA GLY B 142 -13.63 -8.01 -9.08
C GLY B 142 -12.35 -7.21 -9.09
N LEU B 143 -11.81 -6.98 -10.29
CA LEU B 143 -10.54 -6.27 -10.42
C LEU B 143 -10.74 -4.78 -10.59
N LYS B 144 -11.97 -4.38 -10.91
CA LYS B 144 -12.28 -2.97 -11.12
C LYS B 144 -11.98 -2.12 -9.87
N PRO B 145 -11.55 -0.86 -10.08
CA PRO B 145 -11.30 0.06 -8.95
C PRO B 145 -12.59 0.53 -8.28
C4 CHT C . 6.45 -5.91 11.63
C5 CHT C . 5.00 -6.09 11.17
C6 CHT C . 4.52 -4.49 12.84
C7 CHT C . 2.74 -5.76 11.88
C8 CHT C . 4.38 -6.82 13.36
O6 CHT C . 7.33 -6.01 10.51
N1 CHT C . 4.15 -5.80 12.32
S SO4 D . 11.58 16.62 27.12
O1 SO4 D . 12.19 15.40 27.64
O2 SO4 D . 11.33 16.43 25.70
O3 SO4 D . 10.35 16.90 27.85
O4 SO4 D . 12.48 17.76 27.34
S SO4 E . 8.95 15.84 13.34
O1 SO4 E . 8.94 14.66 14.18
O2 SO4 E . 8.88 15.45 11.94
O3 SO4 E . 7.81 16.72 13.64
O4 SO4 E . 10.18 16.58 13.57
S SO4 F . 8.45 -5.82 -0.22
O1 SO4 F . 7.96 -7.20 -0.23
O2 SO4 F . 9.85 -5.80 -0.64
O3 SO4 F . 7.66 -5.03 -1.17
O4 SO4 F . 8.29 -5.28 1.12
S SO4 G . 12.42 -4.10 -4.09
O1 SO4 G . 12.36 -5.56 -4.22
O2 SO4 G . 12.53 -3.46 -5.38
O3 SO4 G . 11.18 -3.64 -3.44
O4 SO4 G . 13.58 -3.73 -3.29
S SO4 H . -6.61 -8.59 3.97
O1 SO4 H . -6.57 -10.04 3.92
O2 SO4 H . -7.95 -8.10 3.64
O3 SO4 H . -5.63 -8.02 3.03
O4 SO4 H . -6.24 -8.14 5.32
S SO4 I . -6.69 -10.80 11.00
O1 SO4 I . -7.66 -11.90 11.01
O2 SO4 I . -5.34 -11.33 11.19
O3 SO4 I . -6.78 -10.09 9.74
O4 SO4 I . -6.98 -9.88 12.11
C4 CHT J . 10.65 -1.67 -16.11
C5 CHT J . 9.98 -1.88 -17.45
C6 CHT J . 8.40 -3.24 -18.60
C7 CHT J . 10.17 -4.25 -17.29
C8 CHT J . 8.36 -3.14 -16.19
O6 CHT J . 10.02 -0.58 -15.41
N1 CHT J . 9.22 -3.13 -17.39
S SO4 K . -9.03 0.87 -5.10
O1 SO4 K . -9.79 1.37 -6.24
O2 SO4 K . -9.30 -0.55 -4.95
O3 SO4 K . -9.49 1.58 -3.92
O4 SO4 K . -7.58 1.08 -5.27
S SO4 L . 9.68 9.51 -19.49
O1 SO4 L . 8.50 9.08 -20.25
O2 SO4 L . 9.80 8.72 -18.27
O3 SO4 L . 9.53 10.93 -19.16
O4 SO4 L . 10.90 9.32 -20.28
S SO4 M . 4.14 -11.11 -27.24
O1 SO4 M . 3.22 -12.05 -26.61
O2 SO4 M . 4.70 -11.68 -28.47
O3 SO4 M . 3.41 -9.90 -27.58
O4 SO4 M . 5.25 -10.83 -26.34
#